data_4GMK
#
_entry.id   4GMK
#
_cell.length_a   129.340
_cell.length_b   63.800
_cell.length_c   59.840
_cell.angle_alpha   90.00
_cell.angle_beta   107.68
_cell.angle_gamma   90.00
#
_symmetry.space_group_name_H-M   'C 1 2 1'
#
loop_
_entity.id
_entity.type
_entity.pdbx_description
1 polymer 'Ribose-5-phosphate isomerase A'
2 non-polymer 'PHOSPHATE ION'
3 non-polymer 'POTASSIUM ION'
4 water water
#
_entity_poly.entity_id   1
_entity_poly.type   'polypeptide(L)'
_entity_poly.pdbx_seq_one_letter_code
;GPNQDELKQLVGTKAVEWIKDGMIVGLGTGSTVKYMVDALGKRVNEEGLDIVGVTTSIRTAEQAKSLGIVIKDIDEVDHI
DLTIDGADEISSDFQGIKGGGAALLYEKIVATKSNKNMWIVDESKMVDDLGQFPLPVEVIPYGSGTVFKRFEEKGLNPEF
RKNEDGSLLHTDSDNYIIDLHLGKIENPKELGDYLINQVGVVEHGLFLDIVNTVIVGRQDGPEVLEAR
;
_entity_poly.pdbx_strand_id   A,B
#
# COMPACT_ATOMS: atom_id res chain seq x y z
N PRO A 2 2.50 -21.16 30.86
CA PRO A 2 2.17 -21.03 32.24
C PRO A 2 0.63 -20.88 32.34
N ASN A 3 0.17 -19.98 33.21
CA ASN A 3 -1.22 -19.62 33.26
C ASN A 3 -1.63 -19.04 31.90
N GLN A 4 -0.83 -18.12 31.35
CA GLN A 4 -1.14 -17.52 30.02
C GLN A 4 -1.18 -18.55 28.88
N ASP A 5 -0.21 -19.47 28.79
CA ASP A 5 -0.31 -20.57 27.82
C ASP A 5 -1.54 -21.39 28.03
N GLU A 6 -1.94 -21.61 29.28
CA GLU A 6 -3.13 -22.43 29.53
C GLU A 6 -4.41 -21.70 29.08
N LEU A 7 -4.42 -20.38 29.25
CA LEU A 7 -5.58 -19.62 28.77
C LEU A 7 -5.64 -19.66 27.22
N LYS A 8 -4.48 -19.54 26.56
CA LYS A 8 -4.42 -19.55 25.07
C LYS A 8 -4.89 -20.95 24.57
N GLN A 9 -4.48 -21.99 25.30
CA GLN A 9 -4.81 -23.37 24.96
C GLN A 9 -6.29 -23.56 25.05
N LEU A 10 -6.84 -23.01 26.13
CA LEU A 10 -8.27 -23.07 26.39
C LEU A 10 -9.12 -22.44 25.27
N VAL A 11 -8.74 -21.23 24.79
CA VAL A 11 -9.56 -20.60 23.79
C VAL A 11 -9.35 -21.21 22.40
N GLY A 12 -8.16 -21.75 22.16
CA GLY A 12 -7.84 -22.36 20.84
C GLY A 12 -8.60 -23.65 20.66
N THR A 13 -8.70 -24.40 21.77
CA THR A 13 -9.56 -25.60 21.77
C THR A 13 -11.01 -25.24 21.69
N LYS A 14 -11.48 -24.26 22.45
CA LYS A 14 -12.89 -23.84 22.39
C LYS A 14 -13.28 -23.33 20.97
N ALA A 15 -12.34 -22.65 20.32
CA ALA A 15 -12.65 -22.03 19.00
C ALA A 15 -12.99 -23.06 17.92
N VAL A 16 -12.28 -24.18 17.92
CA VAL A 16 -12.50 -25.20 16.87
C VAL A 16 -13.91 -25.84 16.87
N GLU A 17 -14.67 -25.65 17.95
CA GLU A 17 -16.12 -26.02 17.96
C GLU A 17 -16.97 -25.29 16.91
N TRP A 18 -16.52 -24.10 16.48
CA TRP A 18 -17.26 -23.37 15.43
C TRP A 18 -17.04 -23.96 14.06
N ILE A 19 -16.05 -24.85 13.91
CA ILE A 19 -15.69 -25.46 12.60
CA ILE A 19 -15.76 -25.41 12.59
C ILE A 19 -16.55 -26.70 12.29
N LYS A 20 -17.17 -26.71 11.10
CA LYS A 20 -18.05 -27.80 10.63
C LYS A 20 -17.55 -28.33 9.28
N ASP A 21 -17.69 -29.64 9.04
CA ASP A 21 -17.43 -30.21 7.72
C ASP A 21 -17.92 -29.33 6.56
N GLY A 22 -17.04 -29.15 5.59
CA GLY A 22 -17.37 -28.43 4.38
C GLY A 22 -17.03 -26.93 4.45
N MET A 23 -16.60 -26.44 5.60
CA MET A 23 -16.34 -24.98 5.70
C MET A 23 -15.00 -24.66 5.08
N ILE A 24 -14.86 -23.40 4.63
CA ILE A 24 -13.60 -22.83 4.23
C ILE A 24 -13.26 -21.85 5.41
N VAL A 25 -12.11 -22.07 6.02
CA VAL A 25 -11.71 -21.40 7.26
C VAL A 25 -10.44 -20.60 7.05
N GLY A 26 -10.48 -19.31 7.39
CA GLY A 26 -9.27 -18.52 7.43
C GLY A 26 -8.49 -18.72 8.71
N LEU A 27 -7.19 -18.92 8.56
CA LEU A 27 -6.36 -19.27 9.70
C LEU A 27 -5.47 -18.08 10.03
N GLY A 28 -5.57 -17.62 11.27
CA GLY A 28 -4.79 -16.47 11.75
C GLY A 28 -3.31 -16.71 11.98
N THR A 29 -2.67 -15.82 12.70
CA THR A 29 -1.24 -15.93 12.98
C THR A 29 -0.99 -15.61 14.46
N GLY A 30 -0.05 -16.30 15.08
CA GLY A 30 0.31 -15.95 16.46
C GLY A 30 0.30 -17.12 17.41
N SER A 31 0.81 -16.85 18.62
CA SER A 31 0.93 -17.89 19.64
C SER A 31 -0.41 -18.49 20.14
N THR A 32 -1.51 -17.72 20.13
CA THR A 32 -2.80 -18.26 20.51
C THR A 32 -3.39 -19.09 19.36
N VAL A 33 -3.30 -18.55 18.14
CA VAL A 33 -3.76 -19.27 16.94
C VAL A 33 -3.04 -20.64 16.81
N LYS A 34 -1.79 -20.68 17.20
CA LYS A 34 -0.96 -21.92 17.26
C LYS A 34 -1.74 -23.07 17.90
N TYR A 35 -2.24 -22.84 19.10
CA TYR A 35 -3.14 -23.82 19.80
C TYR A 35 -4.39 -24.20 19.03
N MET A 36 -5.04 -23.21 18.39
CA MET A 36 -6.20 -23.46 17.57
C MET A 36 -5.86 -24.33 16.38
N VAL A 37 -4.74 -24.04 15.69
CA VAL A 37 -4.36 -24.83 14.50
C VAL A 37 -3.99 -26.28 14.95
N ASP A 38 -3.26 -26.41 16.06
CA ASP A 38 -3.07 -27.75 16.70
C ASP A 38 -4.38 -28.48 16.97
N ALA A 39 -5.40 -27.79 17.48
CA ALA A 39 -6.68 -28.41 17.79
C ALA A 39 -7.41 -28.79 16.54
N LEU A 40 -7.34 -27.90 15.54
CA LEU A 40 -7.97 -28.20 14.26
C LEU A 40 -7.36 -29.44 13.62
N GLY A 41 -6.04 -29.50 13.66
CA GLY A 41 -5.30 -30.67 13.14
C GLY A 41 -5.73 -31.98 13.79
N LYS A 42 -5.92 -31.95 15.11
CA LYS A 42 -6.47 -33.06 15.88
C LYS A 42 -7.82 -33.50 15.30
N ARG A 43 -8.76 -32.57 15.18
CA ARG A 43 -10.07 -32.93 14.60
C ARG A 43 -10.01 -33.45 13.16
N VAL A 44 -9.07 -32.94 12.36
CA VAL A 44 -8.87 -33.42 10.98
C VAL A 44 -8.29 -34.85 10.95
N ASN A 45 -7.22 -35.10 11.72
CA ASN A 45 -6.47 -36.34 11.66
C ASN A 45 -7.08 -37.42 12.54
N GLU A 46 -7.94 -37.02 13.47
CA GLU A 46 -8.48 -37.98 14.43
C GLU A 46 -10.01 -38.02 14.47
N GLU A 47 -10.65 -37.26 13.60
CA GLU A 47 -12.10 -37.24 13.58
C GLU A 47 -12.60 -37.13 12.13
N GLY A 48 -11.66 -37.15 11.19
CA GLY A 48 -11.97 -37.07 9.77
C GLY A 48 -12.67 -35.77 9.34
N LEU A 49 -12.51 -34.71 10.13
CA LEU A 49 -13.10 -33.40 9.79
C LEU A 49 -12.53 -32.95 8.46
N ASP A 50 -13.43 -32.57 7.53
CA ASP A 50 -13.11 -32.10 6.15
C ASP A 50 -13.38 -30.58 5.90
N ILE A 51 -12.28 -29.84 5.76
CA ILE A 51 -12.36 -28.38 5.56
C ILE A 51 -11.20 -27.96 4.66
N VAL A 52 -11.21 -26.69 4.21
CA VAL A 52 -10.10 -26.14 3.51
C VAL A 52 -9.70 -24.91 4.32
N GLY A 53 -8.41 -24.70 4.50
CA GLY A 53 -7.90 -23.50 5.22
C GLY A 53 -7.39 -22.49 4.24
N VAL A 54 -7.39 -21.19 4.65
CA VAL A 54 -6.80 -20.12 3.84
C VAL A 54 -5.88 -19.40 4.82
N THR A 55 -4.59 -19.25 4.50
CA THR A 55 -3.60 -18.78 5.48
CA THR A 55 -3.64 -18.80 5.50
C THR A 55 -3.43 -17.28 5.50
N THR A 56 -2.96 -16.76 6.65
CA THR A 56 -2.64 -15.34 6.80
C THR A 56 -1.14 -15.11 6.94
N SER A 57 -0.35 -16.19 6.85
CA SER A 57 1.10 -15.98 6.93
C SER A 57 1.79 -17.25 6.47
N ILE A 58 3.03 -17.06 6.04
CA ILE A 58 3.85 -18.23 5.69
CA ILE A 58 3.92 -18.20 5.72
C ILE A 58 4.04 -19.16 6.93
N ARG A 59 4.27 -18.60 8.12
CA ARG A 59 4.37 -19.43 9.33
C ARG A 59 3.16 -20.29 9.56
N THR A 60 1.95 -19.73 9.56
CA THR A 60 0.79 -20.54 9.74
C THR A 60 0.58 -21.60 8.65
N ALA A 61 0.93 -21.29 7.41
CA ALA A 61 0.78 -22.29 6.34
C ALA A 61 1.74 -23.48 6.65
N GLU A 62 2.92 -23.16 7.17
CA GLU A 62 3.99 -24.22 7.47
C GLU A 62 3.41 -25.14 8.56
N GLN A 63 2.86 -24.53 9.62
CA GLN A 63 2.20 -25.33 10.64
C GLN A 63 1.01 -26.14 10.17
N ALA A 64 0.13 -25.54 9.37
CA ALA A 64 -1.05 -26.26 8.89
C ALA A 64 -0.69 -27.44 7.94
N LYS A 65 0.30 -27.23 7.07
CA LYS A 65 0.77 -28.26 6.13
C LYS A 65 1.41 -29.43 6.90
N SER A 66 2.21 -29.12 7.91
CA SER A 66 2.83 -30.15 8.75
C SER A 66 1.78 -31.04 9.44
N LEU A 67 0.52 -30.57 9.50
CA LEU A 67 -0.58 -31.30 10.15
C LEU A 67 -1.55 -31.96 9.21
N GLY A 68 -1.31 -31.81 7.92
CA GLY A 68 -2.24 -32.36 6.94
C GLY A 68 -3.50 -31.58 6.73
N ILE A 69 -3.50 -30.30 7.12
CA ILE A 69 -4.67 -29.46 6.79
C ILE A 69 -4.46 -28.96 5.35
N VAL A 70 -5.48 -29.12 4.52
CA VAL A 70 -5.42 -28.65 3.09
C VAL A 70 -5.45 -27.10 3.09
N ILE A 71 -4.52 -26.47 2.38
CA ILE A 71 -4.54 -24.99 2.33
C ILE A 71 -4.74 -24.60 0.89
N LYS A 72 -5.63 -23.64 0.63
CA LYS A 72 -5.86 -23.16 -0.74
C LYS A 72 -5.56 -21.69 -0.73
N ASP A 73 -5.07 -21.21 -1.85
CA ASP A 73 -4.85 -19.80 -2.02
C ASP A 73 -6.18 -19.05 -1.85
N ILE A 74 -6.14 -17.83 -1.29
CA ILE A 74 -7.43 -17.09 -1.09
C ILE A 74 -8.18 -16.88 -2.43
N ASP A 75 -7.46 -16.82 -3.55
CA ASP A 75 -8.14 -16.49 -4.78
C ASP A 75 -8.72 -17.77 -5.43
N GLU A 76 -8.47 -18.94 -4.84
CA GLU A 76 -9.02 -20.23 -5.33
C GLU A 76 -10.30 -20.61 -4.63
N VAL A 77 -10.75 -19.79 -3.68
CA VAL A 77 -11.98 -20.09 -2.96
C VAL A 77 -12.91 -18.93 -3.23
N ASP A 78 -14.19 -19.20 -3.42
CA ASP A 78 -15.11 -18.10 -3.73
C ASP A 78 -15.73 -17.41 -2.52
N HIS A 79 -15.48 -17.93 -1.31
CA HIS A 79 -16.00 -17.31 -0.12
C HIS A 79 -15.18 -17.88 1.03
N ILE A 80 -15.12 -17.20 2.17
CA ILE A 80 -14.52 -17.83 3.37
C ILE A 80 -15.61 -17.77 4.42
N ASP A 81 -15.93 -18.90 5.07
CA ASP A 81 -17.06 -18.95 6.05
C ASP A 81 -16.76 -18.25 7.39
N LEU A 82 -15.57 -18.54 7.86
CA LEU A 82 -15.10 -18.10 9.19
C LEU A 82 -13.63 -17.94 9.20
N THR A 83 -13.14 -16.82 9.78
CA THR A 83 -11.72 -16.71 10.03
C THR A 83 -11.56 -16.63 11.53
N ILE A 84 -10.54 -17.31 12.02
CA ILE A 84 -10.21 -17.34 13.45
C ILE A 84 -8.78 -16.84 13.59
N ASP A 85 -8.64 -15.71 14.29
CA ASP A 85 -7.32 -15.11 14.45
C ASP A 85 -7.15 -14.56 15.88
N GLY A 86 -5.94 -14.17 16.21
CA GLY A 86 -5.66 -13.52 17.52
C GLY A 86 -5.76 -12.00 17.42
N ALA A 87 -5.38 -11.33 18.49
CA ALA A 87 -5.35 -9.87 18.50
C ALA A 87 -4.43 -9.37 19.55
N ASP A 88 -3.74 -8.26 19.28
CA ASP A 88 -2.84 -7.72 20.34
C ASP A 88 -3.59 -6.95 21.42
N GLU A 89 -4.65 -6.27 21.01
CA GLU A 89 -5.56 -5.56 21.95
C GLU A 89 -6.96 -5.60 21.37
N ILE A 90 -7.95 -5.75 22.25
CA ILE A 90 -9.34 -5.56 21.84
C ILE A 90 -9.94 -4.55 22.83
N SER A 91 -10.48 -3.45 22.28
CA SER A 91 -11.09 -2.40 23.14
C SER A 91 -12.51 -2.74 23.65
N SER A 92 -13.03 -1.84 24.49
CA SER A 92 -14.33 -2.16 25.09
C SER A 92 -15.43 -2.09 24.04
N ASP A 93 -15.18 -1.41 22.93
CA ASP A 93 -16.14 -1.45 21.82
C ASP A 93 -15.70 -2.31 20.64
N PHE A 94 -14.91 -3.31 20.99
CA PHE A 94 -14.56 -4.38 20.03
C PHE A 94 -13.86 -3.90 18.77
N GLN A 95 -12.92 -2.97 18.97
CA GLN A 95 -11.98 -2.59 17.90
C GLN A 95 -10.64 -3.26 18.25
N GLY A 96 -9.79 -3.54 17.25
CA GLY A 96 -8.64 -4.34 17.55
C GLY A 96 -7.37 -3.66 17.04
N ILE A 97 -6.26 -3.88 17.73
CA ILE A 97 -4.92 -3.74 17.13
C ILE A 97 -4.36 -5.12 16.86
N LYS A 98 -3.89 -5.33 15.62
CA LYS A 98 -3.22 -6.55 15.23
C LYS A 98 -1.91 -6.21 14.55
N GLY A 99 -1.09 -7.25 14.33
CA GLY A 99 0.17 -7.08 13.63
C GLY A 99 1.40 -7.21 14.51
N GLY A 100 1.21 -7.62 15.76
CA GLY A 100 2.34 -7.83 16.62
C GLY A 100 3.18 -8.94 16.04
N GLY A 101 2.56 -9.92 15.38
CA GLY A 101 3.29 -11.02 14.69
C GLY A 101 3.70 -10.71 13.25
N ALA A 102 3.54 -9.42 12.86
CA ALA A 102 3.98 -8.86 11.57
C ALA A 102 3.17 -9.35 10.35
N ALA A 103 1.98 -9.91 10.56
CA ALA A 103 1.16 -10.44 9.48
C ALA A 103 -0.12 -9.64 9.27
N LEU A 104 -0.14 -8.38 9.72
CA LEU A 104 -1.35 -7.57 9.61
CA LEU A 104 -1.36 -7.59 9.61
C LEU A 104 -1.98 -7.50 8.18
N LEU A 105 -1.15 -7.42 7.14
CA LEU A 105 -1.67 -7.25 5.75
C LEU A 105 -2.47 -8.49 5.31
N TYR A 106 -1.87 -9.66 5.38
CA TYR A 106 -2.62 -10.80 4.90
C TYR A 106 -3.76 -11.14 5.87
N GLU A 107 -3.56 -10.79 7.13
CA GLU A 107 -4.65 -10.91 8.14
C GLU A 107 -5.86 -10.09 7.73
N LYS A 108 -5.60 -8.85 7.32
CA LYS A 108 -6.71 -7.97 6.90
C LYS A 108 -7.33 -8.39 5.54
N ILE A 109 -6.50 -8.91 4.63
CA ILE A 109 -6.99 -9.42 3.33
C ILE A 109 -7.97 -10.59 3.56
N VAL A 110 -7.54 -11.53 4.41
CA VAL A 110 -8.40 -12.71 4.70
C VAL A 110 -9.72 -12.31 5.42
N ALA A 111 -9.56 -11.48 6.45
CA ALA A 111 -10.71 -10.98 7.25
C ALA A 111 -11.74 -10.30 6.37
N THR A 112 -11.25 -9.56 5.38
CA THR A 112 -12.16 -8.82 4.48
C THR A 112 -13.00 -9.76 3.58
N LYS A 113 -12.42 -10.87 3.16
CA LYS A 113 -13.18 -11.91 2.37
C LYS A 113 -14.12 -12.75 3.22
N SER A 114 -13.86 -12.80 4.51
CA SER A 114 -14.58 -13.70 5.40
CA SER A 114 -14.55 -13.72 5.41
C SER A 114 -15.99 -13.27 5.75
N ASN A 115 -16.91 -14.24 5.76
CA ASN A 115 -18.29 -13.94 6.17
C ASN A 115 -18.35 -13.56 7.66
N LYS A 116 -17.62 -14.32 8.47
CA LYS A 116 -17.52 -14.01 9.89
C LYS A 116 -16.10 -13.98 10.39
N ASN A 117 -15.81 -13.16 11.40
CA ASN A 117 -14.45 -13.08 11.98
C ASN A 117 -14.52 -13.31 13.48
N MET A 118 -13.72 -14.26 13.97
CA MET A 118 -13.67 -14.55 15.42
C MET A 118 -12.29 -14.31 15.92
N TRP A 119 -12.14 -13.52 17.03
CA TRP A 119 -10.83 -13.39 17.61
C TRP A 119 -10.73 -14.17 18.92
N ILE A 120 -9.59 -14.82 19.13
CA ILE A 120 -9.37 -15.66 20.32
C ILE A 120 -8.20 -15.03 21.09
N VAL A 121 -8.42 -14.77 22.39
CA VAL A 121 -7.42 -14.05 23.20
C VAL A 121 -7.49 -14.54 24.65
N ASP A 122 -6.35 -14.38 25.32
CA ASP A 122 -6.35 -14.51 26.80
C ASP A 122 -6.82 -13.15 27.36
N GLU A 123 -7.38 -13.14 28.58
CA GLU A 123 -7.99 -11.92 29.20
C GLU A 123 -7.08 -10.69 29.21
N SER A 124 -5.76 -10.86 29.15
CA SER A 124 -4.83 -9.73 29.18
C SER A 124 -4.96 -8.83 27.95
N LYS A 125 -5.60 -9.36 26.88
CA LYS A 125 -5.71 -8.62 25.61
C LYS A 125 -6.85 -7.59 25.67
N MET A 126 -7.74 -7.70 26.66
CA MET A 126 -8.94 -6.83 26.72
C MET A 126 -8.56 -5.50 27.38
N VAL A 127 -8.75 -4.43 26.63
CA VAL A 127 -8.42 -3.06 27.15
C VAL A 127 -9.64 -2.17 27.11
N ASP A 128 -9.62 -1.04 27.83
CA ASP A 128 -10.70 -0.12 27.66
C ASP A 128 -10.54 0.64 26.34
N ASP A 129 -9.44 1.40 26.24
CA ASP A 129 -9.09 2.10 24.99
C ASP A 129 -7.85 1.46 24.35
N LEU A 130 -7.84 1.40 23.01
CA LEU A 130 -6.60 0.96 22.33
C LEU A 130 -5.40 1.86 22.59
N GLY A 131 -4.20 1.31 22.49
CA GLY A 131 -3.04 2.20 22.32
C GLY A 131 -1.82 1.95 23.13
N GLN A 132 -1.93 1.24 24.26
CA GLN A 132 -0.75 0.91 25.02
C GLN A 132 0.18 0.02 24.16
N PHE A 133 -0.43 -0.91 23.44
CA PHE A 133 0.35 -1.75 22.52
C PHE A 133 0.68 -0.92 21.27
N PRO A 134 1.96 -0.88 20.85
CA PRO A 134 2.34 0.02 19.72
C PRO A 134 1.60 -0.41 18.46
N LEU A 135 1.06 0.58 17.74
CA LEU A 135 0.35 0.30 16.48
C LEU A 135 1.28 -0.06 15.26
N PRO A 136 1.17 -1.30 14.71
CA PRO A 136 2.05 -1.65 13.58
C PRO A 136 1.51 -0.99 12.28
N VAL A 137 2.43 -0.49 11.44
CA VAL A 137 2.09 0.06 10.11
C VAL A 137 3.04 -0.59 9.10
N GLU A 138 2.49 -1.12 8.01
CA GLU A 138 3.31 -1.81 6.99
C GLU A 138 3.65 -0.76 5.90
N VAL A 139 4.95 -0.63 5.61
CA VAL A 139 5.42 0.49 4.73
C VAL A 139 6.29 -0.01 3.59
N ILE A 140 6.12 0.64 2.44
CA ILE A 140 6.92 0.31 1.24
C ILE A 140 8.40 0.67 1.60
N PRO A 141 9.37 -0.20 1.24
CA PRO A 141 10.80 0.10 1.59
C PRO A 141 11.37 1.39 0.96
N TYR A 142 11.11 1.60 -0.34
CA TYR A 142 11.57 2.81 -1.02
C TYR A 142 10.92 4.03 -0.37
N GLY A 143 11.71 4.97 0.12
CA GLY A 143 11.09 6.13 0.74
C GLY A 143 10.68 5.90 2.21
N SER A 144 10.97 4.74 2.81
CA SER A 144 10.51 4.46 4.15
C SER A 144 11.22 5.27 5.24
N GLY A 145 12.46 5.71 4.99
CA GLY A 145 13.05 6.71 5.93
C GLY A 145 12.29 8.04 5.99
N THR A 146 11.75 8.47 4.85
CA THR A 146 10.97 9.69 4.76
C THR A 146 9.66 9.53 5.50
N VAL A 147 9.03 8.40 5.31
CA VAL A 147 7.80 8.10 6.02
CA VAL A 147 7.78 8.22 6.01
C VAL A 147 8.05 8.14 7.53
N PHE A 148 9.12 7.44 7.92
CA PHE A 148 9.53 7.41 9.38
C PHE A 148 9.63 8.87 9.90
N LYS A 149 10.33 9.74 9.16
CA LYS A 149 10.45 11.15 9.60
C LYS A 149 9.15 11.88 9.66
N ARG A 150 8.23 11.65 8.71
CA ARG A 150 6.88 12.24 8.81
C ARG A 150 6.13 11.79 10.09
N PHE A 151 6.20 10.49 10.39
CA PHE A 151 5.61 10.02 11.60
C PHE A 151 6.27 10.66 12.85
N GLU A 152 7.58 10.83 12.82
CA GLU A 152 8.30 11.42 13.95
C GLU A 152 7.77 12.88 14.14
N GLU A 153 7.65 13.63 13.03
CA GLU A 153 7.19 15.02 13.11
C GLU A 153 5.73 15.17 13.53
N LYS A 154 4.95 14.11 13.31
CA LYS A 154 3.55 14.10 13.56
C LYS A 154 3.33 13.73 15.06
N GLY A 155 4.41 13.37 15.73
CA GLY A 155 4.37 13.05 17.16
C GLY A 155 3.92 11.61 17.42
N LEU A 156 4.14 10.74 16.44
CA LEU A 156 3.62 9.36 16.55
C LEU A 156 4.61 8.38 17.15
N ASN A 157 5.81 8.82 17.57
CA ASN A 157 6.79 7.97 18.22
C ASN A 157 7.09 6.66 17.48
N PRO A 158 7.51 6.78 16.20
CA PRO A 158 7.78 5.55 15.44
C PRO A 158 9.08 4.84 15.79
N GLU A 159 9.08 3.54 15.54
CA GLU A 159 10.20 2.63 15.67
C GLU A 159 10.13 1.58 14.58
N PHE A 160 11.21 1.40 13.80
CA PHE A 160 11.17 0.32 12.82
C PHE A 160 11.18 -1.03 13.54
N ARG A 161 10.44 -1.98 13.00
CA ARG A 161 10.43 -3.39 13.49
C ARG A 161 11.75 -4.06 13.08
N LYS A 162 12.41 -4.67 14.06
CA LYS A 162 13.65 -5.40 13.81
C LYS A 162 13.53 -6.90 14.11
N ASN A 163 14.32 -7.72 13.42
CA ASN A 163 14.49 -9.10 13.89
C ASN A 163 15.37 -9.09 15.18
N GLU A 164 15.31 -10.21 15.92
CA GLU A 164 16.16 -10.48 17.09
C GLU A 164 17.67 -10.18 16.90
N ASP A 165 18.22 -10.37 15.69
CA ASP A 165 19.60 -9.92 15.38
C ASP A 165 19.80 -8.40 15.08
N GLY A 166 18.74 -7.61 15.08
CA GLY A 166 18.88 -6.17 14.84
C GLY A 166 18.73 -5.69 13.40
N SER A 167 18.59 -6.63 12.46
CA SER A 167 18.34 -6.26 11.08
C SER A 167 16.83 -5.93 10.96
N LEU A 168 16.47 -5.21 9.91
CA LEU A 168 15.07 -4.85 9.67
C LEU A 168 14.22 -6.05 9.36
N LEU A 169 13.03 -6.15 10.00
CA LEU A 169 12.10 -7.20 9.64
C LEU A 169 11.49 -6.97 8.26
N HIS A 170 11.38 -8.03 7.48
CA HIS A 170 10.68 -7.98 6.20
C HIS A 170 9.40 -8.79 6.36
N THR A 171 8.26 -8.21 6.01
CA THR A 171 7.02 -8.98 5.98
C THR A 171 6.92 -10.01 4.86
N ASP A 172 5.85 -10.82 4.87
CA ASP A 172 5.65 -11.78 3.77
C ASP A 172 5.60 -11.15 2.38
N SER A 173 5.11 -9.92 2.27
CA SER A 173 5.11 -9.17 1.02
C SER A 173 6.36 -8.36 0.77
N ASP A 174 7.38 -8.54 1.60
CA ASP A 174 8.63 -7.83 1.56
C ASP A 174 8.54 -6.33 1.79
N ASN A 175 7.70 -5.96 2.75
CA ASN A 175 7.66 -4.59 3.21
C ASN A 175 8.32 -4.48 4.61
N TYR A 176 8.51 -3.27 5.13
CA TYR A 176 8.96 -3.08 6.49
C TYR A 176 7.72 -2.79 7.36
N ILE A 177 7.91 -2.84 8.67
CA ILE A 177 6.91 -2.34 9.60
CA ILE A 177 6.91 -2.37 9.66
C ILE A 177 7.49 -1.22 10.49
N ILE A 178 6.70 -0.15 10.65
CA ILE A 178 7.00 0.88 11.64
C ILE A 178 5.94 0.75 12.75
N ASP A 179 6.35 0.55 14.00
CA ASP A 179 5.38 0.53 15.13
C ASP A 179 5.28 1.94 15.73
N LEU A 180 4.05 2.37 16.02
CA LEU A 180 3.86 3.72 16.56
C LEU A 180 3.55 3.62 18.04
N HIS A 181 4.40 4.25 18.87
CA HIS A 181 4.19 4.22 20.36
C HIS A 181 3.23 5.28 20.82
N LEU A 182 1.92 5.06 20.61
CA LEU A 182 0.94 6.16 20.75
C LEU A 182 0.36 6.31 22.14
N GLY A 183 0.51 5.29 22.97
CA GLY A 183 -0.04 5.33 24.33
C GLY A 183 -1.53 5.17 24.47
N LYS A 184 -2.31 5.99 23.75
CA LYS A 184 -3.78 5.96 23.82
C LYS A 184 -4.31 6.50 22.50
N ILE A 185 -5.26 5.79 21.92
CA ILE A 185 -5.82 6.20 20.65
C ILE A 185 -7.30 6.45 20.90
N GLU A 186 -7.67 7.72 21.00
CA GLU A 186 -9.08 8.02 21.24
C GLU A 186 -9.96 8.01 20.01
N ASN A 187 -9.40 8.31 18.84
CA ASN A 187 -10.23 8.18 17.62
C ASN A 187 -9.57 7.27 16.59
N PRO A 188 -9.71 5.95 16.78
CA PRO A 188 -9.03 5.09 15.81
C PRO A 188 -9.51 5.22 14.36
N LYS A 189 -10.79 5.51 14.09
CA LYS A 189 -11.23 5.63 12.67
C LYS A 189 -10.49 6.80 12.02
N GLU A 190 -10.37 7.93 12.73
CA GLU A 190 -9.65 9.09 12.18
C GLU A 190 -8.20 8.76 11.95
N LEU A 191 -7.61 8.07 12.92
CA LEU A 191 -6.21 7.66 12.80
C LEU A 191 -6.00 6.69 11.63
N GLY A 192 -6.87 5.66 11.52
CA GLY A 192 -6.82 4.71 10.35
C GLY A 192 -6.91 5.42 9.01
N ASP A 193 -7.81 6.41 8.91
CA ASP A 193 -7.99 7.16 7.70
C ASP A 193 -6.74 7.96 7.39
N TYR A 194 -6.10 8.57 8.40
CA TYR A 194 -4.92 9.34 8.15
C TYR A 194 -3.83 8.41 7.63
N LEU A 195 -3.70 7.26 8.28
CA LEU A 195 -2.52 6.39 7.98
C LEU A 195 -2.67 5.81 6.54
N ILE A 196 -3.87 5.37 6.21
CA ILE A 196 -4.01 4.69 4.90
C ILE A 196 -3.83 5.69 3.75
N ASN A 197 -4.12 6.98 4.04
CA ASN A 197 -3.97 8.02 3.04
C ASN A 197 -2.54 8.48 2.85
N GLN A 198 -1.62 7.98 3.67
CA GLN A 198 -0.23 8.39 3.52
C GLN A 198 0.40 7.57 2.40
N VAL A 199 1.07 8.26 1.50
CA VAL A 199 1.76 7.60 0.39
CA VAL A 199 1.75 7.53 0.40
C VAL A 199 2.91 6.69 0.92
N GLY A 200 2.93 5.42 0.51
CA GLY A 200 3.97 4.54 1.00
C GLY A 200 3.43 3.63 2.14
N VAL A 201 2.25 3.94 2.68
CA VAL A 201 1.68 3.06 3.75
C VAL A 201 0.83 2.02 3.02
N VAL A 202 1.18 0.74 3.18
CA VAL A 202 0.44 -0.37 2.55
C VAL A 202 -0.82 -0.69 3.35
N GLU A 203 -0.69 -0.76 4.69
CA GLU A 203 -1.83 -1.16 5.51
C GLU A 203 -1.45 -0.84 6.97
N HIS A 204 -2.44 -0.72 7.86
CA HIS A 204 -2.12 -0.52 9.28
C HIS A 204 -2.84 -1.53 10.13
N GLY A 205 -2.43 -1.59 11.40
CA GLY A 205 -2.90 -2.65 12.28
C GLY A 205 -4.22 -2.37 12.98
N LEU A 206 -4.95 -1.31 12.64
CA LEU A 206 -6.26 -1.12 13.26
C LEU A 206 -7.31 -1.96 12.53
N PHE A 207 -7.99 -2.80 13.26
CA PHE A 207 -9.04 -3.63 12.64
C PHE A 207 -10.36 -3.16 13.23
N LEU A 208 -11.05 -2.28 12.49
CA LEU A 208 -12.22 -1.55 13.00
C LEU A 208 -13.54 -2.10 12.39
N ASP A 209 -14.53 -2.28 13.24
CA ASP A 209 -15.87 -2.82 12.86
C ASP A 209 -15.74 -4.11 12.06
N ILE A 210 -14.81 -4.95 12.49
CA ILE A 210 -14.56 -6.22 11.83
C ILE A 210 -15.01 -7.41 12.69
N VAL A 211 -14.56 -7.50 13.92
CA VAL A 211 -14.72 -8.78 14.62
C VAL A 211 -16.19 -9.03 14.96
N ASN A 212 -16.65 -10.25 14.74
CA ASN A 212 -18.04 -10.61 15.11
C ASN A 212 -18.14 -11.22 16.49
N THR A 213 -17.20 -12.11 16.81
CA THR A 213 -17.27 -12.92 18.04
C THR A 213 -15.89 -12.91 18.66
N VAL A 214 -15.82 -12.74 19.98
CA VAL A 214 -14.53 -12.80 20.69
C VAL A 214 -14.64 -13.92 21.75
N ILE A 215 -13.66 -14.79 21.80
CA ILE A 215 -13.56 -15.77 22.91
C ILE A 215 -12.41 -15.33 23.77
N VAL A 216 -12.74 -15.06 25.04
CA VAL A 216 -11.74 -14.60 26.01
C VAL A 216 -11.37 -15.68 27.06
N GLY A 217 -10.09 -16.01 27.21
CA GLY A 217 -9.74 -17.07 28.18
C GLY A 217 -9.64 -16.39 29.52
N ARG A 218 -10.60 -16.67 30.43
CA ARG A 218 -10.55 -16.12 31.81
C ARG A 218 -10.15 -17.17 32.84
N GLN A 219 -9.90 -16.76 34.08
CA GLN A 219 -9.59 -17.74 35.12
C GLN A 219 -10.67 -18.79 35.39
N ASP A 220 -11.93 -18.44 35.17
CA ASP A 220 -13.07 -19.38 35.31
C ASP A 220 -13.57 -19.97 33.99
N GLY A 221 -12.77 -19.82 32.93
CA GLY A 221 -13.02 -20.49 31.68
C GLY A 221 -13.24 -19.51 30.53
N PRO A 222 -13.59 -20.03 29.37
CA PRO A 222 -13.76 -19.16 28.19
C PRO A 222 -15.09 -18.38 28.23
N GLU A 223 -15.04 -17.09 27.90
CA GLU A 223 -16.23 -16.31 27.80
C GLU A 223 -16.42 -15.97 26.34
N VAL A 224 -17.55 -16.35 25.78
CA VAL A 224 -17.93 -16.00 24.41
C VAL A 224 -18.66 -14.65 24.37
N LEU A 225 -18.09 -13.66 23.66
CA LEU A 225 -18.68 -12.32 23.58
C LEU A 225 -19.15 -12.07 22.15
N GLU A 226 -20.42 -11.73 21.97
CA GLU A 226 -20.91 -11.50 20.61
C GLU A 226 -20.83 -10.00 20.29
N ALA A 227 -19.87 -9.58 19.49
CA ALA A 227 -19.62 -8.18 19.24
C ALA A 227 -20.55 -7.53 18.21
N ARG A 228 -20.78 -8.22 17.09
CA ARG A 228 -21.51 -7.60 15.98
C ARG A 228 -21.92 -8.61 14.89
N ASP B 5 7.52 14.38 -31.30
CA ASP B 5 8.89 14.62 -30.74
C ASP B 5 9.29 16.10 -30.72
N GLU B 6 8.87 16.84 -31.74
CA GLU B 6 9.11 18.28 -31.86
C GLU B 6 8.55 19.06 -30.65
N LEU B 7 7.34 18.67 -30.22
CA LEU B 7 6.61 19.38 -29.15
C LEU B 7 7.29 19.07 -27.83
N LYS B 8 7.54 17.77 -27.62
CA LYS B 8 8.27 17.26 -26.46
C LYS B 8 9.63 17.99 -26.28
N GLN B 9 10.40 18.16 -27.35
CA GLN B 9 11.70 18.82 -27.22
C GLN B 9 11.67 20.31 -26.85
N LEU B 10 10.74 21.07 -27.41
CA LEU B 10 10.60 22.50 -27.00
C LEU B 10 10.19 22.60 -25.51
N VAL B 11 9.31 21.71 -25.06
CA VAL B 11 8.81 21.76 -23.69
C VAL B 11 9.95 21.37 -22.71
N GLY B 12 10.73 20.35 -23.08
CA GLY B 12 11.81 19.85 -22.19
C GLY B 12 12.88 20.92 -22.02
N THR B 13 13.22 21.59 -23.12
CA THR B 13 14.14 22.71 -23.11
C THR B 13 13.61 23.90 -22.28
N LYS B 14 12.33 24.25 -22.45
CA LYS B 14 11.76 25.34 -21.69
C LYS B 14 11.80 25.02 -20.18
N ALA B 15 11.46 23.77 -19.82
CA ALA B 15 11.27 23.38 -18.40
C ALA B 15 12.50 23.64 -17.55
N VAL B 16 13.69 23.49 -18.13
CA VAL B 16 14.90 23.59 -17.31
CA VAL B 16 14.95 23.60 -17.38
C VAL B 16 15.17 25.05 -16.89
N GLU B 17 14.49 26.01 -17.53
CA GLU B 17 14.53 27.40 -16.98
C GLU B 17 14.07 27.55 -15.51
N TRP B 18 13.23 26.62 -15.04
CA TRP B 18 12.79 26.60 -13.65
C TRP B 18 13.80 26.12 -12.65
N ILE B 19 14.94 25.58 -13.10
CA ILE B 19 15.94 25.00 -12.21
C ILE B 19 16.97 26.10 -11.84
N LYS B 20 17.33 26.18 -10.55
CA LYS B 20 18.06 27.28 -9.95
C LYS B 20 19.28 26.60 -9.27
N ASP B 21 20.40 27.31 -9.20
CA ASP B 21 21.55 26.78 -8.50
C ASP B 21 21.20 26.43 -7.06
N GLY B 22 21.65 25.28 -6.58
CA GLY B 22 21.45 24.90 -5.18
C GLY B 22 20.26 23.96 -5.01
N MET B 23 19.50 23.74 -6.09
CA MET B 23 18.21 22.98 -5.93
C MET B 23 18.43 21.53 -5.83
N ILE B 24 17.48 20.85 -5.16
CA ILE B 24 17.41 19.40 -5.25
C ILE B 24 16.18 19.15 -6.15
N VAL B 25 16.36 18.41 -7.24
CA VAL B 25 15.33 18.29 -8.31
C VAL B 25 14.92 16.84 -8.52
N GLY B 26 13.60 16.57 -8.44
CA GLY B 26 13.07 15.27 -8.80
C GLY B 26 12.92 15.17 -10.32
N LEU B 27 13.39 14.04 -10.87
CA LEU B 27 13.41 13.85 -12.33
C LEU B 27 12.56 12.64 -12.66
N GLY B 28 11.57 12.84 -13.50
CA GLY B 28 10.59 11.75 -13.71
C GLY B 28 10.93 10.86 -14.86
N THR B 29 9.92 10.39 -15.57
CA THR B 29 10.19 9.53 -16.74
C THR B 29 9.39 9.89 -17.95
N GLY B 30 9.72 9.23 -19.06
CA GLY B 30 9.05 9.50 -20.33
C GLY B 30 9.94 10.17 -21.34
N SER B 31 9.49 10.18 -22.57
CA SER B 31 10.23 10.75 -23.70
C SER B 31 10.34 12.25 -23.50
N THR B 32 9.29 12.84 -22.93
CA THR B 32 9.28 14.27 -22.69
C THR B 32 10.36 14.69 -21.64
N VAL B 33 10.37 13.97 -20.54
CA VAL B 33 11.35 14.18 -19.50
C VAL B 33 12.79 13.94 -20.02
N LYS B 34 12.94 12.95 -20.91
CA LYS B 34 14.29 12.69 -21.50
C LYS B 34 14.90 13.95 -22.14
N TYR B 35 14.09 14.72 -22.87
CA TYR B 35 14.59 15.94 -23.47
C TYR B 35 14.98 16.98 -22.44
N MET B 36 14.21 17.06 -21.36
CA MET B 36 14.48 17.96 -20.26
C MET B 36 15.82 17.64 -19.56
N VAL B 37 16.03 16.35 -19.31
CA VAL B 37 17.25 15.88 -18.64
C VAL B 37 18.44 16.23 -19.54
N ASP B 38 18.30 16.03 -20.86
CA ASP B 38 19.39 16.40 -21.77
C ASP B 38 19.66 17.89 -21.69
N ALA B 39 18.61 18.70 -21.60
CA ALA B 39 18.81 20.15 -21.56
C ALA B 39 19.36 20.56 -20.20
N LEU B 40 19.04 19.77 -19.16
CA LEU B 40 19.61 20.02 -17.85
C LEU B 40 21.13 19.72 -17.86
N GLY B 41 21.51 18.60 -18.46
CA GLY B 41 22.93 18.25 -18.56
C GLY B 41 23.65 19.34 -19.33
N LYS B 42 23.03 19.87 -20.38
CA LYS B 42 23.63 20.98 -21.12
C LYS B 42 24.00 22.12 -20.16
N ARG B 43 23.02 22.58 -19.36
CA ARG B 43 23.25 23.64 -18.36
C ARG B 43 24.29 23.32 -17.28
N VAL B 44 24.26 22.08 -16.79
CA VAL B 44 25.26 21.63 -15.83
C VAL B 44 26.69 21.71 -16.42
N ASN B 45 26.85 21.36 -17.69
CA ASN B 45 28.17 21.23 -18.35
C ASN B 45 28.66 22.42 -19.16
N GLU B 46 27.94 23.54 -19.12
CA GLU B 46 28.32 24.70 -19.90
C GLU B 46 28.18 25.95 -19.08
N GLU B 47 27.28 25.89 -18.12
CA GLU B 47 26.92 27.08 -17.38
C GLU B 47 27.28 26.99 -15.88
N GLY B 48 27.82 25.83 -15.47
CA GLY B 48 28.21 25.56 -14.07
C GLY B 48 27.06 25.39 -13.07
N LEU B 49 25.89 24.96 -13.55
CA LEU B 49 24.73 24.81 -12.64
C LEU B 49 25.03 23.73 -11.61
N ASP B 50 24.81 24.03 -10.33
CA ASP B 50 25.01 23.07 -9.24
C ASP B 50 23.71 22.58 -8.56
N ILE B 51 23.43 21.31 -8.75
CA ILE B 51 22.14 20.75 -8.28
C ILE B 51 22.33 19.29 -7.98
N VAL B 52 21.37 18.71 -7.27
CA VAL B 52 21.40 17.27 -6.99
C VAL B 52 20.05 16.75 -7.49
N GLY B 53 20.05 15.58 -8.13
CA GLY B 53 18.81 15.00 -8.67
C GLY B 53 18.40 13.76 -7.89
N VAL B 54 17.08 13.51 -7.88
CA VAL B 54 16.49 12.30 -7.26
C VAL B 54 15.60 11.75 -8.38
N THR B 55 15.67 10.48 -8.71
CA THR B 55 14.87 10.01 -9.82
C THR B 55 13.81 8.95 -9.46
N THR B 56 12.75 8.90 -10.26
CA THR B 56 11.63 7.93 -10.08
C THR B 56 11.95 6.60 -10.74
N SER B 57 13.17 6.47 -11.31
CA SER B 57 13.56 5.29 -12.13
C SER B 57 15.05 5.14 -12.41
N ILE B 58 15.42 3.91 -12.74
CA ILE B 58 16.79 3.57 -13.12
C ILE B 58 17.25 4.19 -14.46
N ARG B 59 16.43 4.05 -15.48
CA ARG B 59 16.72 4.58 -16.81
C ARG B 59 17.07 6.10 -16.71
N THR B 60 16.30 6.85 -15.94
CA THR B 60 16.59 8.30 -15.82
C THR B 60 17.88 8.56 -15.02
N ALA B 61 18.08 7.80 -13.94
CA ALA B 61 19.28 7.91 -13.13
C ALA B 61 20.52 7.69 -14.03
N GLU B 62 20.46 6.66 -14.86
CA GLU B 62 21.60 6.36 -15.72
C GLU B 62 21.83 7.47 -16.78
N GLN B 63 20.74 8.07 -17.26
CA GLN B 63 20.88 9.20 -18.21
C GLN B 63 21.48 10.43 -17.53
N ALA B 64 20.97 10.77 -16.34
CA ALA B 64 21.47 11.92 -15.59
C ALA B 64 22.95 11.73 -15.21
N LYS B 65 23.31 10.53 -14.79
CA LYS B 65 24.69 10.27 -14.38
C LYS B 65 25.64 10.32 -15.58
N SER B 66 25.24 9.83 -16.75
CA SER B 66 26.07 9.99 -17.94
CA SER B 66 26.05 9.98 -17.96
C SER B 66 26.35 11.46 -18.32
N LEU B 67 25.47 12.38 -17.88
CA LEU B 67 25.67 13.81 -18.15
C LEU B 67 26.40 14.58 -17.08
N GLY B 68 26.86 13.86 -16.03
CA GLY B 68 27.50 14.52 -14.93
C GLY B 68 26.63 15.15 -13.86
N ILE B 69 25.36 14.73 -13.78
CA ILE B 69 24.46 15.19 -12.73
C ILE B 69 24.55 14.24 -11.52
N VAL B 70 24.71 14.82 -10.34
CA VAL B 70 24.80 14.03 -9.08
C VAL B 70 23.36 13.53 -8.76
N ILE B 71 23.22 12.22 -8.57
CA ILE B 71 21.89 11.60 -8.21
C ILE B 71 22.02 11.01 -6.80
N LYS B 72 21.08 11.35 -5.92
CA LYS B 72 21.00 10.75 -4.57
C LYS B 72 19.66 10.00 -4.41
N ASP B 73 19.63 9.01 -3.51
CA ASP B 73 18.36 8.35 -3.12
C ASP B 73 17.42 9.31 -2.42
N ILE B 74 16.09 9.10 -2.57
CA ILE B 74 15.13 9.89 -1.90
C ILE B 74 15.40 10.04 -0.38
N ASP B 75 15.86 8.98 0.30
CA ASP B 75 15.98 9.07 1.77
C ASP B 75 17.32 9.64 2.14
N GLU B 76 18.09 10.03 1.13
CA GLU B 76 19.39 10.72 1.37
C GLU B 76 19.39 12.22 1.27
N VAL B 77 18.22 12.80 0.98
CA VAL B 77 18.05 14.25 0.87
C VAL B 77 16.94 14.65 1.84
N ASP B 78 17.03 15.82 2.46
CA ASP B 78 16.02 16.18 3.46
C ASP B 78 14.82 16.90 2.85
N HIS B 79 14.91 17.31 1.57
CA HIS B 79 13.82 17.98 0.88
C HIS B 79 14.04 17.81 -0.60
N ILE B 80 12.97 17.95 -1.39
CA ILE B 80 13.14 18.11 -2.84
C ILE B 80 12.47 19.44 -3.17
N ASP B 81 13.12 20.29 -3.95
CA ASP B 81 12.56 21.62 -4.14
C ASP B 81 11.50 21.58 -5.23
N LEU B 82 11.78 20.81 -6.27
CA LEU B 82 10.92 20.78 -7.52
C LEU B 82 11.09 19.45 -8.19
N THR B 83 9.98 18.80 -8.55
CA THR B 83 10.05 17.58 -9.35
C THR B 83 9.43 17.90 -10.73
N ILE B 84 10.08 17.45 -11.78
CA ILE B 84 9.60 17.70 -13.15
C ILE B 84 9.35 16.31 -13.70
N ASP B 85 8.10 16.07 -14.10
CA ASP B 85 7.72 14.68 -14.55
C ASP B 85 6.73 14.83 -15.71
N GLY B 86 6.39 13.72 -16.37
CA GLY B 86 5.38 13.78 -17.45
C GLY B 86 4.06 13.34 -16.83
N ALA B 87 3.03 13.19 -17.67
CA ALA B 87 1.72 12.70 -17.19
C ALA B 87 1.05 12.03 -18.33
N ASP B 88 0.20 11.05 -18.02
CA ASP B 88 -0.59 10.40 -19.12
C ASP B 88 -1.80 11.17 -19.56
N GLU B 89 -2.42 11.84 -18.60
CA GLU B 89 -3.59 12.74 -18.83
C GLU B 89 -3.58 13.82 -17.76
N ILE B 90 -3.99 15.04 -18.15
CA ILE B 90 -4.20 16.14 -17.22
C ILE B 90 -5.54 16.78 -17.52
N SER B 91 -6.44 16.81 -16.56
CA SER B 91 -7.80 17.34 -16.78
C SER B 91 -7.84 18.88 -16.65
N SER B 92 -9.02 19.43 -16.94
CA SER B 92 -9.25 20.89 -16.81
CA SER B 92 -9.29 20.87 -16.80
C SER B 92 -9.09 21.42 -15.39
N ASP B 93 -9.22 20.53 -14.42
CA ASP B 93 -9.06 20.86 -13.00
CA ASP B 93 -9.04 20.88 -13.02
C ASP B 93 -7.64 20.54 -12.54
N PHE B 94 -6.74 20.22 -13.51
CA PHE B 94 -5.34 19.94 -13.18
C PHE B 94 -5.23 18.80 -12.19
N GLN B 95 -6.00 17.73 -12.46
CA GLN B 95 -5.76 16.44 -11.79
C GLN B 95 -5.16 15.56 -12.87
N GLY B 96 -4.34 14.63 -12.45
CA GLY B 96 -3.57 13.79 -13.41
C GLY B 96 -3.85 12.28 -13.28
N ILE B 97 -3.69 11.59 -14.40
CA ILE B 97 -3.42 10.11 -14.35
C ILE B 97 -1.97 9.93 -14.69
N LYS B 98 -1.26 9.15 -13.88
CA LYS B 98 0.12 8.71 -14.16
C LYS B 98 0.21 7.19 -13.92
N GLY B 99 1.33 6.63 -14.33
CA GLY B 99 1.69 5.21 -14.14
C GLY B 99 1.39 4.36 -15.34
N GLY B 100 1.20 5.02 -16.46
CA GLY B 100 1.17 4.29 -17.75
C GLY B 100 2.42 3.45 -17.94
N GLY B 101 3.56 3.92 -17.41
CA GLY B 101 4.81 3.18 -17.53
C GLY B 101 5.05 2.31 -16.31
N ALA B 102 4.00 2.09 -15.50
CA ALA B 102 4.05 1.19 -14.31
C ALA B 102 4.80 1.67 -13.06
N ALA B 103 5.23 2.93 -13.03
CA ALA B 103 5.99 3.40 -11.86
C ALA B 103 5.20 4.39 -11.01
N LEU B 104 3.87 4.26 -11.00
CA LEU B 104 3.03 5.22 -10.28
CA LEU B 104 3.00 5.22 -10.27
C LEU B 104 3.44 5.35 -8.79
N LEU B 105 3.87 4.25 -8.17
CA LEU B 105 4.16 4.30 -6.73
C LEU B 105 5.40 5.14 -6.45
N TYR B 106 6.52 4.81 -7.08
CA TYR B 106 7.72 5.63 -6.81
C TYR B 106 7.50 7.11 -7.27
N GLU B 107 6.71 7.32 -8.34
CA GLU B 107 6.45 8.67 -8.83
C GLU B 107 5.70 9.47 -7.76
N LYS B 108 4.73 8.83 -7.12
CA LYS B 108 3.96 9.51 -6.08
C LYS B 108 4.78 9.73 -4.82
N ILE B 109 5.69 8.78 -4.51
CA ILE B 109 6.57 8.94 -3.31
C ILE B 109 7.48 10.20 -3.56
N VAL B 110 8.06 10.33 -4.76
CA VAL B 110 8.92 11.49 -5.06
C VAL B 110 8.05 12.78 -5.06
N ALA B 111 6.90 12.74 -5.71
CA ALA B 111 6.02 13.92 -5.76
C ALA B 111 5.60 14.41 -4.38
N THR B 112 5.33 13.48 -3.46
CA THR B 112 4.88 13.83 -2.10
C THR B 112 5.98 14.53 -1.29
N LYS B 113 7.24 14.11 -1.50
CA LYS B 113 8.35 14.78 -0.81
C LYS B 113 8.66 16.16 -1.44
N SER B 114 8.16 16.44 -2.63
CA SER B 114 8.59 17.62 -3.39
CA SER B 114 8.61 17.61 -3.37
C SER B 114 7.81 18.85 -3.00
N ASN B 115 8.50 19.99 -2.84
CA ASN B 115 7.78 21.23 -2.52
C ASN B 115 6.88 21.71 -3.63
N LYS B 116 7.35 21.57 -4.86
CA LYS B 116 6.61 21.91 -6.07
C LYS B 116 6.70 20.76 -7.05
N ASN B 117 5.67 20.62 -7.84
CA ASN B 117 5.59 19.64 -8.91
C ASN B 117 5.20 20.32 -10.21
N MET B 118 5.98 20.06 -11.24
CA MET B 118 5.71 20.54 -12.62
CA MET B 118 5.69 20.55 -12.59
C MET B 118 5.52 19.36 -13.56
N TRP B 119 4.45 19.39 -14.33
CA TRP B 119 4.30 18.35 -15.35
C TRP B 119 4.51 18.95 -16.73
N ILE B 120 5.20 18.19 -17.59
CA ILE B 120 5.52 18.73 -18.95
C ILE B 120 4.95 17.67 -19.95
N VAL B 121 4.14 18.12 -20.91
CA VAL B 121 3.37 17.23 -21.76
C VAL B 121 3.21 17.92 -23.12
N ASP B 122 2.99 17.10 -24.14
CA ASP B 122 2.44 17.65 -25.38
C ASP B 122 0.90 17.83 -25.22
N GLU B 123 0.32 18.63 -26.13
CA GLU B 123 -1.05 18.96 -26.21
C GLU B 123 -1.97 17.81 -26.11
N SER B 124 -1.55 16.65 -26.59
CA SER B 124 -2.50 15.53 -26.60
C SER B 124 -2.85 14.99 -25.21
N LYS B 125 -2.02 15.32 -24.23
CA LYS B 125 -2.27 14.87 -22.84
C LYS B 125 -3.38 15.69 -22.12
N MET B 126 -3.72 16.89 -22.63
CA MET B 126 -4.70 17.76 -21.99
CA MET B 126 -4.69 17.76 -21.97
C MET B 126 -6.10 17.33 -22.36
N VAL B 127 -6.90 16.99 -21.37
CA VAL B 127 -8.27 16.49 -21.61
C VAL B 127 -9.23 17.31 -20.78
N ASP B 128 -10.51 17.28 -21.13
CA ASP B 128 -11.52 17.94 -20.30
C ASP B 128 -11.70 17.16 -18.97
N ASP B 129 -12.10 15.90 -19.10
CA ASP B 129 -12.27 15.02 -17.95
CA ASP B 129 -12.28 15.00 -17.94
C ASP B 129 -11.28 13.87 -18.09
N LEU B 130 -10.75 13.38 -16.97
CA LEU B 130 -9.93 12.17 -16.97
C LEU B 130 -10.76 10.96 -17.41
N GLY B 131 -10.07 9.92 -17.88
CA GLY B 131 -10.69 8.65 -18.06
C GLY B 131 -10.57 7.93 -19.34
N GLN B 132 -10.22 8.60 -20.46
CA GLN B 132 -9.93 7.84 -21.67
C GLN B 132 -8.72 6.94 -21.53
N PHE B 133 -7.71 7.40 -20.83
CA PHE B 133 -6.52 6.61 -20.52
C PHE B 133 -6.86 5.72 -19.29
N PRO B 134 -6.51 4.42 -19.34
CA PRO B 134 -6.92 3.49 -18.23
C PRO B 134 -6.18 3.85 -16.99
N LEU B 135 -6.91 3.82 -15.88
CA LEU B 135 -6.32 4.21 -14.57
C LEU B 135 -5.56 3.02 -13.95
N PRO B 136 -4.25 3.18 -13.69
CA PRO B 136 -3.54 2.05 -13.04
C PRO B 136 -3.70 2.03 -11.54
N VAL B 137 -3.77 0.85 -11.00
CA VAL B 137 -3.90 0.61 -9.53
C VAL B 137 -2.87 -0.47 -9.15
N GLU B 138 -2.02 -0.14 -8.16
CA GLU B 138 -0.99 -1.11 -7.72
C GLU B 138 -1.58 -1.97 -6.60
N VAL B 139 -1.50 -3.30 -6.76
CA VAL B 139 -2.24 -4.21 -5.91
CA VAL B 139 -2.21 -4.19 -5.85
C VAL B 139 -1.30 -5.30 -5.35
N ILE B 140 -1.42 -5.60 -4.02
CA ILE B 140 -0.68 -6.75 -3.41
C ILE B 140 -1.06 -8.08 -4.15
N PRO B 141 -0.06 -8.94 -4.48
CA PRO B 141 -0.37 -10.12 -5.27
C PRO B 141 -1.36 -11.03 -4.52
N TYR B 142 -1.13 -11.29 -3.23
CA TYR B 142 -2.00 -12.22 -2.53
C TYR B 142 -3.39 -11.64 -2.34
N GLY B 143 -4.40 -12.34 -2.85
CA GLY B 143 -5.79 -11.77 -2.86
C GLY B 143 -6.07 -10.83 -4.06
N SER B 144 -5.11 -10.65 -4.96
CA SER B 144 -5.34 -9.70 -6.10
C SER B 144 -6.50 -10.11 -7.03
N GLY B 145 -6.78 -11.44 -7.14
CA GLY B 145 -7.92 -11.91 -7.92
C GLY B 145 -9.24 -11.47 -7.29
N THR B 146 -9.30 -11.48 -5.95
CA THR B 146 -10.47 -11.06 -5.24
C THR B 146 -10.63 -9.53 -5.36
N VAL B 147 -9.55 -8.78 -5.28
CA VAL B 147 -9.62 -7.32 -5.50
C VAL B 147 -10.18 -7.07 -6.93
N PHE B 148 -9.66 -7.79 -7.90
CA PHE B 148 -10.12 -7.66 -9.32
C PHE B 148 -11.66 -7.91 -9.41
N LYS B 149 -12.14 -8.94 -8.71
CA LYS B 149 -13.59 -9.23 -8.70
C LYS B 149 -14.40 -8.08 -8.03
N ARG B 150 -13.86 -7.48 -6.98
CA ARG B 150 -14.56 -6.34 -6.35
C ARG B 150 -14.67 -5.23 -7.38
N PHE B 151 -13.58 -4.97 -8.08
CA PHE B 151 -13.57 -3.88 -9.08
C PHE B 151 -14.52 -4.18 -10.26
N GLU B 152 -14.60 -5.43 -10.65
CA GLU B 152 -15.52 -5.87 -11.74
C GLU B 152 -16.98 -5.61 -11.29
N GLU B 153 -17.31 -5.97 -10.04
CA GLU B 153 -18.66 -5.78 -9.49
C GLU B 153 -19.05 -4.32 -9.35
N LYS B 154 -18.09 -3.46 -9.05
CA LYS B 154 -18.32 -2.03 -8.96
C LYS B 154 -18.50 -1.38 -10.34
N GLY B 155 -18.14 -2.09 -11.38
CA GLY B 155 -18.31 -1.54 -12.74
C GLY B 155 -17.09 -0.85 -13.28
N LEU B 156 -15.89 -1.15 -12.72
CA LEU B 156 -14.64 -0.40 -13.10
C LEU B 156 -13.84 -0.98 -14.27
N ASN B 157 -14.38 -2.06 -14.88
CA ASN B 157 -13.78 -2.65 -16.06
C ASN B 157 -12.28 -2.93 -15.86
N PRO B 158 -11.95 -3.73 -14.84
CA PRO B 158 -10.51 -3.95 -14.59
C PRO B 158 -9.82 -4.90 -15.58
N GLU B 159 -8.51 -4.67 -15.78
CA GLU B 159 -7.66 -5.59 -16.56
C GLU B 159 -6.27 -5.67 -15.91
N PHE B 160 -5.76 -6.88 -15.68
CA PHE B 160 -4.39 -6.96 -15.18
C PHE B 160 -3.36 -6.53 -16.23
N ARG B 161 -2.30 -5.85 -15.80
CA ARG B 161 -1.28 -5.36 -16.70
C ARG B 161 -0.35 -6.53 -17.06
N LYS B 162 -0.06 -6.67 -18.36
CA LYS B 162 0.91 -7.70 -18.87
C LYS B 162 2.19 -7.11 -19.45
N ASN B 163 3.28 -7.88 -19.35
CA ASN B 163 4.52 -7.64 -20.09
C ASN B 163 4.29 -8.04 -21.54
N GLU B 164 5.23 -7.62 -22.40
CA GLU B 164 5.13 -7.82 -23.84
C GLU B 164 4.88 -9.30 -24.21
N ASP B 165 5.47 -10.21 -23.43
CA ASP B 165 5.27 -11.67 -23.59
C ASP B 165 4.02 -12.27 -22.92
N GLY B 166 3.16 -11.42 -22.36
CA GLY B 166 1.89 -11.89 -21.81
C GLY B 166 1.96 -12.44 -20.40
N SER B 167 3.09 -12.30 -19.73
CA SER B 167 3.10 -12.67 -18.31
C SER B 167 2.57 -11.44 -17.53
N LEU B 168 2.09 -11.67 -16.29
CA LEU B 168 1.80 -10.50 -15.36
C LEU B 168 3.01 -9.59 -15.08
N LEU B 169 2.81 -8.29 -15.27
CA LEU B 169 3.81 -7.31 -14.90
C LEU B 169 4.00 -7.26 -13.40
N HIS B 170 5.25 -7.20 -12.95
CA HIS B 170 5.58 -6.99 -11.56
C HIS B 170 6.18 -5.60 -11.45
N THR B 171 5.69 -4.79 -10.54
CA THR B 171 6.28 -3.48 -10.31
C THR B 171 7.63 -3.49 -9.57
N ASP B 172 8.22 -2.30 -9.35
CA ASP B 172 9.51 -2.10 -8.63
C ASP B 172 9.38 -2.74 -7.23
N SER B 173 8.18 -2.68 -6.64
CA SER B 173 7.93 -3.22 -5.31
C SER B 173 7.37 -4.63 -5.31
N ASP B 174 7.44 -5.30 -6.45
CA ASP B 174 6.87 -6.63 -6.63
C ASP B 174 5.35 -6.84 -6.46
N ASN B 175 4.60 -5.81 -6.85
CA ASN B 175 3.11 -5.87 -6.86
C ASN B 175 2.64 -6.01 -8.27
N TYR B 176 1.34 -6.23 -8.42
CA TYR B 176 0.72 -6.25 -9.76
C TYR B 176 0.07 -4.86 -10.04
N ILE B 177 -0.27 -4.62 -11.30
CA ILE B 177 -1.07 -3.45 -11.70
CA ILE B 177 -1.10 -3.46 -11.65
C ILE B 177 -2.40 -3.95 -12.27
N ILE B 178 -3.52 -3.35 -11.79
CA ILE B 178 -4.81 -3.60 -12.43
C ILE B 178 -5.12 -2.24 -13.07
N ASP B 179 -5.34 -2.21 -14.41
CA ASP B 179 -5.79 -0.98 -15.04
C ASP B 179 -7.31 -0.96 -15.09
N LEU B 180 -7.90 0.20 -14.81
CA LEU B 180 -9.36 0.31 -14.82
C LEU B 180 -9.76 1.09 -16.08
N HIS B 181 -10.63 0.50 -16.90
CA HIS B 181 -11.00 1.14 -18.21
C HIS B 181 -12.30 1.89 -18.02
N LEU B 182 -12.14 3.09 -17.48
CA LEU B 182 -13.32 3.81 -16.97
C LEU B 182 -14.04 4.74 -17.96
N GLY B 183 -13.34 5.21 -18.98
CA GLY B 183 -13.95 6.06 -19.99
C GLY B 183 -14.03 7.53 -19.57
N LYS B 184 -14.64 7.77 -18.42
CA LYS B 184 -14.82 9.15 -17.89
C LYS B 184 -14.88 9.07 -16.39
N ILE B 185 -14.08 9.93 -15.74
CA ILE B 185 -13.99 9.98 -14.28
C ILE B 185 -14.44 11.37 -13.86
N GLU B 186 -15.75 11.55 -13.66
CA GLU B 186 -16.27 12.87 -13.31
C GLU B 186 -15.88 13.28 -11.89
N ASN B 187 -15.75 12.30 -10.99
CA ASN B 187 -15.41 12.56 -9.59
C ASN B 187 -14.14 11.80 -9.13
N PRO B 188 -12.95 12.30 -9.54
CA PRO B 188 -11.75 11.52 -9.22
C PRO B 188 -11.46 11.45 -7.75
N LYS B 189 -11.78 12.49 -6.98
CA LYS B 189 -11.55 12.38 -5.55
C LYS B 189 -12.36 11.29 -4.90
N GLU B 190 -13.63 11.10 -5.33
CA GLU B 190 -14.44 10.00 -4.76
C GLU B 190 -13.81 8.64 -5.14
N LEU B 191 -13.44 8.48 -6.41
CA LEU B 191 -12.84 7.21 -6.88
C LEU B 191 -11.52 6.93 -6.15
N GLY B 192 -10.67 7.96 -6.01
CA GLY B 192 -9.37 7.77 -5.27
C GLY B 192 -9.61 7.32 -3.81
N ASP B 193 -10.62 7.92 -3.16
CA ASP B 193 -10.95 7.52 -1.82
C ASP B 193 -11.44 6.09 -1.74
N TYR B 194 -12.30 5.71 -2.66
CA TYR B 194 -12.75 4.32 -2.75
C TYR B 194 -11.53 3.38 -2.88
N LEU B 195 -10.69 3.70 -3.86
CA LEU B 195 -9.54 2.77 -4.18
C LEU B 195 -8.55 2.63 -3.02
N ILE B 196 -8.16 3.74 -2.40
CA ILE B 196 -7.11 3.64 -1.37
C ILE B 196 -7.67 2.94 -0.13
N ASN B 197 -9.00 2.97 0.05
CA ASN B 197 -9.56 2.33 1.23
C ASN B 197 -9.84 0.85 0.99
N GLN B 198 -9.60 0.36 -0.20
CA GLN B 198 -9.71 -1.12 -0.43
C GLN B 198 -8.45 -1.86 0.05
N VAL B 199 -8.65 -2.87 0.88
CA VAL B 199 -7.57 -3.74 1.37
CA VAL B 199 -7.50 -3.64 1.35
C VAL B 199 -6.78 -4.31 0.20
N GLY B 200 -5.46 -4.22 0.27
CA GLY B 200 -4.61 -4.77 -0.80
C GLY B 200 -4.31 -3.76 -1.92
N VAL B 201 -4.99 -2.60 -1.96
CA VAL B 201 -4.59 -1.53 -2.92
C VAL B 201 -3.43 -0.75 -2.28
N VAL B 202 -2.25 -0.77 -2.90
CA VAL B 202 -1.08 -0.10 -2.35
C VAL B 202 -1.16 1.42 -2.70
N GLU B 203 -1.52 1.70 -3.96
CA GLU B 203 -1.54 3.10 -4.43
C GLU B 203 -2.28 3.12 -5.75
N HIS B 204 -2.78 4.26 -6.18
CA HIS B 204 -3.44 4.35 -7.47
C HIS B 204 -2.80 5.48 -8.29
N GLY B 205 -3.19 5.54 -9.56
CA GLY B 205 -2.55 6.48 -10.50
C GLY B 205 -3.27 7.81 -10.62
N LEU B 206 -4.26 8.10 -9.73
CA LEU B 206 -4.85 9.47 -9.69
C LEU B 206 -3.91 10.38 -8.89
N PHE B 207 -3.40 11.43 -9.51
CA PHE B 207 -2.50 12.32 -8.79
C PHE B 207 -3.31 13.62 -8.56
N LEU B 208 -3.85 13.72 -7.35
CA LEU B 208 -4.91 14.71 -7.08
C LEU B 208 -4.35 15.87 -6.23
N ASP B 209 -4.58 17.12 -6.68
CA ASP B 209 -4.10 18.33 -5.95
C ASP B 209 -2.59 18.27 -5.72
N ILE B 210 -1.88 17.77 -6.74
CA ILE B 210 -0.42 17.63 -6.71
C ILE B 210 0.26 18.61 -7.63
N VAL B 211 -0.14 18.68 -8.89
CA VAL B 211 0.68 19.47 -9.84
C VAL B 211 0.48 20.99 -9.59
N ASN B 212 1.58 21.71 -9.55
CA ASN B 212 1.52 23.20 -9.36
C ASN B 212 1.56 23.98 -10.68
N THR B 213 2.36 23.51 -11.64
CA THR B 213 2.60 24.19 -12.93
C THR B 213 2.60 23.17 -14.02
N VAL B 214 1.98 23.50 -15.16
CA VAL B 214 2.04 22.59 -16.32
C VAL B 214 2.62 23.32 -17.52
N ILE B 215 3.55 22.68 -18.24
CA ILE B 215 4.02 23.25 -19.52
C ILE B 215 3.49 22.32 -20.62
N VAL B 216 2.72 22.92 -21.54
CA VAL B 216 2.05 22.19 -22.63
C VAL B 216 2.69 22.58 -23.95
N GLY B 217 3.10 21.58 -24.72
CA GLY B 217 3.65 21.72 -26.08
C GLY B 217 2.54 21.83 -27.07
N ARG B 218 2.37 23.04 -27.67
CA ARG B 218 1.33 23.31 -28.68
C ARG B 218 2.04 23.61 -30.00
N GLN B 219 1.31 23.55 -31.12
CA GLN B 219 1.92 23.80 -32.44
C GLN B 219 2.59 25.16 -32.53
N ASP B 220 2.13 26.11 -31.72
CA ASP B 220 2.76 27.45 -31.74
C ASP B 220 3.77 27.67 -30.62
N GLY B 221 4.21 26.59 -29.93
CA GLY B 221 5.19 26.71 -28.84
C GLY B 221 4.65 26.31 -27.47
N PRO B 222 5.51 26.36 -26.44
CA PRO B 222 5.14 25.95 -25.07
C PRO B 222 4.19 26.93 -24.43
N GLU B 223 3.18 26.47 -23.71
CA GLU B 223 2.31 27.37 -22.94
C GLU B 223 2.44 26.96 -21.48
N VAL B 224 2.62 27.94 -20.62
CA VAL B 224 2.71 27.71 -19.14
C VAL B 224 1.36 27.94 -18.47
N LEU B 225 0.92 26.97 -17.68
CA LEU B 225 -0.36 27.10 -16.97
C LEU B 225 -0.09 26.92 -15.52
N GLU B 226 -0.66 27.80 -14.70
CA GLU B 226 -0.50 27.66 -13.25
C GLU B 226 -1.76 27.01 -12.65
N ALA B 227 -1.56 25.93 -11.89
CA ALA B 227 -2.66 25.15 -11.32
C ALA B 227 -3.03 25.49 -9.89
N ARG B 228 -2.09 25.49 -8.96
N ARG B 228 -1.98 25.62 -9.05
CA ARG B 228 -2.40 25.61 -7.53
CA ARG B 228 -2.03 25.83 -7.60
C ARG B 228 -1.05 25.92 -6.83
C ARG B 228 -0.64 26.15 -6.99
#